data_8Q4O
#
_entry.id   8Q4O
#
_entity_poly.entity_id   1
_entity_poly.type   'polyribonucleotide'
_entity_poly.pdbx_seq_one_letter_code
;CGGUAGCGGGUAUGGGUCCGGGU
;
_entity_poly.pdbx_strand_id   A
#
loop_
_chem_comp.id
_chem_comp.type
_chem_comp.name
_chem_comp.formula
A RNA linking ADENOSINE-5'-MONOPHOSPHATE 'C10 H14 N5 O7 P'
C RNA linking CYTIDINE-5'-MONOPHOSPHATE 'C9 H14 N3 O8 P'
G RNA linking GUANOSINE-5'-MONOPHOSPHATE 'C10 H14 N5 O8 P'
U RNA linking URIDINE-5'-MONOPHOSPHATE 'C9 H13 N2 O9 P'
#